data_6YGQ
#
_entry.id   6YGQ
#
_cell.length_a   65.793
_cell.length_b   50.461
_cell.length_c   73.859
_cell.angle_alpha   90.000
_cell.angle_beta   109.360
_cell.angle_gamma   90.000
#
_symmetry.space_group_name_H-M   'P 1 21 1'
#
loop_
_entity.id
_entity.type
_entity.pdbx_description
1 polymer 'PA-I Galactophilic Lectin'
2 non-polymer 'CALCIUM ION'
3 water water
#
_entity_poly.entity_id   1
_entity_poly.type   'polypeptide(L)'
_entity_poly.pdbx_seq_one_letter_code
;MHHHHHHAKFFATLSQESDASENLIWSGKVDAKNAEGTNTGVALKAGEIITILASGWARNGSENFALTAPQGRIPREGET
LTLRNPSLQARLGNENYPVGNHKYRWSVPAEGTLTLFFADGKDQYKDNAGEFSVEVYREADISAAA
;
_entity_poly.pdbx_strand_id   A,B,C,D
#
# COMPACT_ATOMS: atom_id res chain seq x y z
N ALA A 20 -12.74 -8.24 10.54
CA ALA A 20 -12.93 -9.52 9.89
C ALA A 20 -14.26 -10.13 10.32
N SER A 21 -15.30 -9.94 9.50
CA SER A 21 -16.64 -10.36 9.91
C SER A 21 -16.69 -11.86 10.14
N GLU A 22 -17.45 -12.27 11.16
CA GLU A 22 -17.49 -13.66 11.58
C GLU A 22 -18.20 -14.56 10.57
N ASN A 23 -18.86 -14.01 9.55
CA ASN A 23 -19.51 -14.81 8.53
C ASN A 23 -18.62 -15.05 7.31
N LEU A 24 -17.35 -14.68 7.39
CA LEU A 24 -16.40 -15.00 6.34
C LEU A 24 -16.27 -16.52 6.22
N ILE A 25 -16.37 -17.03 5.00
CA ILE A 25 -16.20 -18.46 4.77
C ILE A 25 -15.02 -18.78 3.87
N TRP A 26 -14.46 -17.81 3.14
CA TRP A 26 -13.28 -18.08 2.34
C TRP A 26 -12.62 -16.76 1.94
N SER A 27 -11.30 -16.75 1.97
CA SER A 27 -10.52 -15.60 1.53
C SER A 27 -9.24 -16.09 0.89
N GLY A 28 -9.03 -15.74 -0.37
CA GLY A 28 -7.86 -16.19 -1.08
C GLY A 28 -7.64 -15.38 -2.33
N LYS A 29 -6.90 -15.97 -3.27
CA LYS A 29 -6.47 -15.29 -4.48
C LYS A 29 -6.96 -16.00 -5.73
N VAL A 30 -7.09 -15.24 -6.80
CA VAL A 30 -7.41 -15.74 -8.14
C VAL A 30 -6.30 -15.29 -9.08
N ASP A 31 -5.56 -16.25 -9.62
CA ASP A 31 -4.42 -16.00 -10.49
C ASP A 31 -4.90 -15.75 -11.91
N ALA A 32 -4.46 -14.63 -12.48
CA ALA A 32 -4.90 -14.27 -13.83
C ALA A 32 -4.39 -15.24 -14.89
N LYS A 33 -3.36 -16.02 -14.59
CA LYS A 33 -2.76 -16.94 -15.54
C LYS A 33 -3.36 -18.35 -15.47
N ASN A 34 -4.30 -18.60 -14.56
CA ASN A 34 -4.80 -19.95 -14.29
C ASN A 34 -6.15 -20.13 -14.97
N ALA A 35 -6.16 -20.86 -16.09
CA ALA A 35 -7.40 -21.06 -16.84
C ALA A 35 -8.42 -21.84 -16.02
N GLU A 36 -7.98 -22.67 -15.08
CA GLU A 36 -8.89 -23.47 -14.28
C GLU A 36 -9.41 -22.71 -13.06
N GLY A 37 -8.85 -21.55 -12.74
CA GLY A 37 -9.31 -20.77 -11.62
C GLY A 37 -8.87 -21.34 -10.29
N THR A 38 -9.37 -20.72 -9.23
CA THR A 38 -9.12 -21.15 -7.86
C THR A 38 -10.31 -21.98 -7.38
N ASN A 39 -10.06 -23.21 -6.97
CA ASN A 39 -11.07 -24.03 -6.32
C ASN A 39 -11.13 -23.61 -4.85
N THR A 40 -12.18 -22.88 -4.48
CA THR A 40 -12.30 -22.40 -3.11
C THR A 40 -12.58 -23.52 -2.12
N GLY A 41 -13.08 -24.66 -2.59
CA GLY A 41 -13.47 -25.73 -1.70
C GLY A 41 -14.74 -25.48 -0.93
N VAL A 42 -15.42 -24.36 -1.18
CA VAL A 42 -16.68 -24.03 -0.52
C VAL A 42 -17.78 -24.84 -1.20
N ALA A 43 -18.36 -25.79 -0.48
CA ALA A 43 -19.44 -26.62 -1.00
C ALA A 43 -20.76 -25.89 -0.77
N LEU A 44 -21.37 -25.42 -1.85
CA LEU A 44 -22.61 -24.68 -1.78
C LEU A 44 -23.79 -25.58 -2.11
N LYS A 45 -24.95 -25.23 -1.55
CA LYS A 45 -26.22 -25.87 -1.91
C LYS A 45 -27.17 -24.82 -2.43
N ALA A 46 -28.00 -25.21 -3.39
CA ALA A 46 -28.96 -24.29 -3.97
C ALA A 46 -29.78 -23.62 -2.88
N GLY A 47 -29.94 -22.31 -3.01
CA GLY A 47 -30.75 -21.53 -2.08
C GLY A 47 -29.97 -20.83 -1.00
N GLU A 48 -28.73 -21.25 -0.73
CA GLU A 48 -27.88 -20.52 0.18
C GLU A 48 -27.59 -19.12 -0.40
N ILE A 49 -27.36 -18.16 0.49
CA ILE A 49 -27.07 -16.78 0.10
C ILE A 49 -25.63 -16.48 0.49
N ILE A 50 -24.83 -16.04 -0.48
CA ILE A 50 -23.44 -15.71 -0.24
C ILE A 50 -23.13 -14.35 -0.86
N THR A 51 -22.06 -13.74 -0.37
CA THR A 51 -21.56 -12.48 -0.90
C THR A 51 -20.10 -12.65 -1.27
N ILE A 52 -19.74 -12.22 -2.48
CA ILE A 52 -18.37 -12.29 -2.97
C ILE A 52 -17.88 -10.87 -3.19
N LEU A 53 -16.68 -10.57 -2.70
CA LEU A 53 -16.06 -9.26 -2.82
C LEU A 53 -14.65 -9.41 -3.35
N ALA A 54 -14.23 -8.51 -4.24
CA ALA A 54 -12.94 -8.67 -4.90
C ALA A 54 -12.28 -7.32 -5.17
N SER A 55 -10.96 -7.37 -5.32
CA SER A 55 -10.14 -6.21 -5.65
C SER A 55 -8.85 -6.72 -6.28
N GLY A 56 -8.16 -5.83 -6.97
CA GLY A 56 -6.83 -6.11 -7.48
C GLY A 56 -6.68 -5.72 -8.93
N TRP A 57 -5.43 -5.78 -9.39
CA TRP A 57 -5.07 -5.46 -10.76
C TRP A 57 -4.46 -6.69 -11.43
N ALA A 58 -4.96 -7.03 -12.61
CA ALA A 58 -4.43 -8.13 -13.40
C ALA A 58 -4.32 -7.69 -14.85
N ARG A 59 -3.26 -8.13 -15.51
CA ARG A 59 -3.07 -7.88 -16.93
C ARG A 59 -3.50 -9.10 -17.72
N ASN A 60 -4.26 -8.89 -18.80
CA ASN A 60 -4.61 -9.97 -19.71
C ASN A 60 -3.69 -10.01 -20.93
N GLY A 61 -2.58 -9.28 -20.89
CA GLY A 61 -1.62 -9.27 -21.98
C GLY A 61 -0.40 -8.49 -21.56
N SER A 62 0.58 -8.42 -22.46
CA SER A 62 1.82 -7.74 -22.18
C SER A 62 1.77 -6.24 -22.47
N GLU A 63 0.80 -5.78 -23.25
CA GLU A 63 0.73 -4.38 -23.62
C GLU A 63 0.30 -3.53 -22.43
N ASN A 64 0.70 -2.25 -22.45
CA ASN A 64 0.38 -1.37 -21.34
C ASN A 64 -1.13 -1.22 -21.14
N PHE A 65 -1.90 -1.26 -22.23
CA PHE A 65 -3.35 -1.14 -22.14
C PHE A 65 -4.04 -2.42 -21.71
N ALA A 66 -3.29 -3.51 -21.53
CA ALA A 66 -3.89 -4.82 -21.26
C ALA A 66 -4.07 -5.03 -19.75
N LEU A 67 -4.82 -4.11 -19.13
CA LEU A 67 -5.05 -4.11 -17.70
C LEU A 67 -6.53 -4.35 -17.38
N THR A 68 -6.77 -5.00 -16.25
CA THR A 68 -8.13 -5.28 -15.80
C THR A 68 -8.22 -5.15 -14.28
N ALA A 69 -9.41 -4.84 -13.79
CA ALA A 69 -9.81 -4.99 -12.40
C ALA A 69 -10.87 -6.08 -12.36
N PRO A 70 -11.32 -6.48 -11.15
CA PRO A 70 -12.43 -7.47 -11.12
C PRO A 70 -13.60 -7.05 -12.02
N GLN A 71 -13.88 -5.75 -12.08
CA GLN A 71 -14.94 -5.21 -12.93
C GLN A 71 -14.60 -5.22 -14.42
N GLY A 72 -13.53 -5.84 -14.89
CA GLY A 72 -13.27 -5.95 -16.32
C GLY A 72 -12.11 -5.09 -16.77
N ARG A 73 -11.95 -5.04 -18.09
CA ARG A 73 -10.80 -4.35 -18.68
C ARG A 73 -10.99 -2.84 -18.63
N ILE A 74 -9.87 -2.13 -18.65
CA ILE A 74 -9.89 -0.67 -18.60
C ILE A 74 -10.39 -0.13 -19.94
N PRO A 75 -11.05 1.02 -19.96
CA PRO A 75 -11.34 1.68 -21.24
C PRO A 75 -10.05 1.94 -21.99
N ARG A 76 -10.14 1.83 -23.32
CA ARG A 76 -8.98 2.02 -24.18
C ARG A 76 -9.05 3.38 -24.87
N GLU A 77 -8.04 3.64 -25.70
CA GLU A 77 -7.96 4.87 -26.47
C GLU A 77 -9.28 5.19 -27.17
N GLY A 78 -9.95 6.25 -26.71
CA GLY A 78 -11.16 6.73 -27.36
C GLY A 78 -12.44 6.04 -26.96
N GLU A 79 -12.42 5.20 -25.94
CA GLU A 79 -13.60 4.49 -25.49
C GLU A 79 -14.29 5.25 -24.35
N THR A 80 -15.56 4.93 -24.14
CA THR A 80 -16.30 5.47 -23.02
C THR A 80 -15.83 4.84 -21.71
N LEU A 81 -15.94 5.62 -20.63
CA LEU A 81 -15.55 5.17 -19.29
C LEU A 81 -16.66 4.34 -18.65
N THR A 82 -16.98 3.23 -19.31
CA THR A 82 -18.06 2.35 -18.89
C THR A 82 -17.51 0.96 -18.61
N LEU A 83 -18.26 0.19 -17.82
CA LEU A 83 -17.85 -1.17 -17.50
C LEU A 83 -18.13 -2.09 -18.68
N ARG A 84 -17.23 -3.03 -18.91
CA ARG A 84 -17.43 -4.04 -19.92
C ARG A 84 -17.58 -5.40 -19.22
N ASN A 85 -17.23 -6.49 -19.89
CA ASN A 85 -17.43 -7.79 -19.27
C ASN A 85 -16.56 -7.92 -18.01
N PRO A 86 -17.12 -8.39 -16.89
CA PRO A 86 -16.30 -8.57 -15.69
C PRO A 86 -15.17 -9.57 -15.93
N SER A 87 -14.02 -9.29 -15.32
CA SER A 87 -12.88 -10.21 -15.42
C SER A 87 -12.95 -11.32 -14.39
N LEU A 88 -13.51 -11.04 -13.21
CA LEU A 88 -13.70 -12.06 -12.20
C LEU A 88 -15.07 -12.70 -12.36
N GLN A 89 -15.08 -14.02 -12.47
CA GLN A 89 -16.30 -14.79 -12.63
C GLN A 89 -16.26 -15.97 -11.69
N ALA A 90 -17.43 -16.55 -11.48
CA ALA A 90 -17.60 -17.74 -10.66
C ALA A 90 -17.96 -18.91 -11.57
N ARG A 91 -17.45 -20.08 -11.25
CA ARG A 91 -17.80 -21.32 -11.94
C ARG A 91 -18.43 -22.25 -10.91
N LEU A 92 -19.60 -22.78 -11.25
CA LEU A 92 -20.38 -23.63 -10.35
C LEU A 92 -21.19 -24.56 -11.22
N GLY A 93 -20.97 -25.87 -11.07
CA GLY A 93 -21.72 -26.82 -11.87
C GLY A 93 -21.59 -26.62 -13.37
N ASN A 94 -20.36 -26.36 -13.82
CA ASN A 94 -20.04 -26.22 -15.25
C ASN A 94 -20.74 -25.04 -15.90
N GLU A 95 -21.15 -24.04 -15.12
CA GLU A 95 -21.71 -22.81 -15.65
C GLU A 95 -20.96 -21.63 -15.05
N ASN A 96 -20.82 -20.58 -15.84
CA ASN A 96 -20.10 -19.38 -15.44
C ASN A 96 -21.09 -18.28 -15.07
N TYR A 97 -20.77 -17.55 -14.00
CA TYR A 97 -21.56 -16.44 -13.51
C TYR A 97 -20.68 -15.22 -13.33
N PRO A 98 -21.13 -14.04 -13.75
CA PRO A 98 -20.32 -12.84 -13.53
C PRO A 98 -20.25 -12.49 -12.05
N VAL A 99 -19.09 -11.99 -11.62
CA VAL A 99 -18.92 -11.53 -10.25
C VAL A 99 -18.49 -10.06 -10.24
N GLY A 100 -17.41 -9.74 -10.93
CA GLY A 100 -16.94 -8.36 -10.92
C GLY A 100 -16.35 -8.00 -9.56
N ASN A 101 -16.47 -6.72 -9.20
CA ASN A 101 -15.98 -6.26 -7.90
C ASN A 101 -16.75 -6.90 -6.75
N HIS A 102 -18.02 -7.22 -6.96
CA HIS A 102 -18.84 -7.70 -5.86
C HIS A 102 -20.11 -8.34 -6.39
N LYS A 103 -20.51 -9.43 -5.76
CA LYS A 103 -21.81 -10.06 -5.98
C LYS A 103 -22.47 -10.17 -4.61
N TYR A 104 -23.45 -9.32 -4.35
CA TYR A 104 -24.00 -9.12 -3.01
C TYR A 104 -25.27 -9.92 -2.83
N ARG A 105 -25.31 -10.72 -1.77
CA ARG A 105 -26.49 -11.52 -1.42
C ARG A 105 -26.97 -12.34 -2.62
N TRP A 106 -26.06 -13.14 -3.14
CA TRP A 106 -26.34 -13.99 -4.29
C TRP A 106 -27.02 -15.26 -3.82
N SER A 107 -28.23 -15.51 -4.29
CA SER A 107 -28.90 -16.76 -3.99
C SER A 107 -28.35 -17.83 -4.92
N VAL A 108 -27.57 -18.75 -4.37
CA VAL A 108 -26.84 -19.74 -5.16
C VAL A 108 -27.84 -20.57 -5.96
N PRO A 109 -27.67 -20.70 -7.28
CA PRO A 109 -28.70 -21.37 -8.09
C PRO A 109 -28.54 -22.89 -8.17
N ALA A 110 -27.36 -23.42 -7.82
CA ALA A 110 -27.15 -24.86 -7.97
C ALA A 110 -26.17 -25.36 -6.93
N GLU A 111 -26.24 -26.66 -6.67
CA GLU A 111 -25.34 -27.30 -5.72
C GLU A 111 -24.00 -27.62 -6.38
N GLY A 112 -22.93 -27.33 -5.67
CA GLY A 112 -21.61 -27.60 -6.19
C GLY A 112 -20.55 -26.85 -5.39
N THR A 113 -19.31 -27.07 -5.79
CA THR A 113 -18.16 -26.40 -5.19
C THR A 113 -17.84 -25.15 -5.98
N LEU A 114 -17.59 -24.05 -5.26
CA LEU A 114 -17.38 -22.75 -5.89
C LEU A 114 -15.95 -22.62 -6.39
N THR A 115 -15.82 -22.29 -7.68
CA THR A 115 -14.56 -21.89 -8.28
C THR A 115 -14.65 -20.43 -8.68
N LEU A 116 -13.54 -19.71 -8.51
CA LEU A 116 -13.42 -18.33 -8.94
C LEU A 116 -12.28 -18.25 -9.95
N PHE A 117 -12.52 -17.60 -11.09
CA PHE A 117 -11.53 -17.61 -12.15
C PHE A 117 -11.48 -16.26 -12.84
N PHE A 118 -10.33 -15.99 -13.44
CA PHE A 118 -10.10 -14.83 -14.28
C PHE A 118 -10.52 -15.19 -15.71
N ALA A 119 -11.33 -14.33 -16.32
CA ALA A 119 -11.89 -14.59 -17.64
C ALA A 119 -10.92 -14.16 -18.72
N ASP A 120 -10.53 -15.09 -19.58
CA ASP A 120 -9.69 -14.78 -20.73
C ASP A 120 -9.96 -15.83 -21.80
N GLY A 121 -9.46 -15.54 -23.00
CA GLY A 121 -9.68 -16.46 -24.10
C GLY A 121 -8.97 -17.79 -23.88
N LYS A 122 -9.58 -18.84 -24.41
CA LYS A 122 -8.96 -20.16 -24.36
C LYS A 122 -7.57 -20.10 -24.95
N ASP A 123 -6.60 -20.64 -24.20
CA ASP A 123 -5.20 -20.71 -24.63
C ASP A 123 -4.56 -19.34 -24.77
N GLN A 124 -5.08 -18.33 -24.08
CA GLN A 124 -4.49 -17.00 -24.07
C GLN A 124 -4.16 -16.53 -22.66
N TYR A 125 -4.07 -17.45 -21.71
CA TYR A 125 -3.90 -17.08 -20.32
C TYR A 125 -2.45 -16.81 -19.94
N LYS A 126 -1.49 -17.37 -20.66
CA LYS A 126 -0.13 -17.45 -20.13
C LYS A 126 0.71 -16.21 -20.43
N ASP A 127 0.14 -15.18 -21.06
CA ASP A 127 0.76 -13.87 -21.08
C ASP A 127 0.10 -12.91 -20.08
N ASN A 128 -0.72 -13.43 -19.19
CA ASN A 128 -1.38 -12.59 -18.19
C ASN A 128 -0.45 -12.36 -17.00
N ALA A 129 -0.92 -11.58 -16.04
CA ALA A 129 -0.13 -11.27 -14.85
C ALA A 129 -1.06 -10.76 -13.76
N GLY A 130 -0.63 -10.93 -12.52
CA GLY A 130 -1.37 -10.41 -11.40
C GLY A 130 -2.41 -11.36 -10.87
N GLU A 131 -3.10 -10.90 -9.81
CA GLU A 131 -4.06 -11.73 -9.11
C GLU A 131 -5.11 -10.84 -8.47
N PHE A 132 -6.30 -11.40 -8.27
CA PHE A 132 -7.35 -10.74 -7.52
C PHE A 132 -7.41 -11.35 -6.12
N SER A 133 -7.67 -10.49 -5.14
CA SER A 133 -8.00 -10.92 -3.78
C SER A 133 -9.51 -10.99 -3.65
N VAL A 134 -10.03 -12.14 -3.23
CA VAL A 134 -11.47 -12.37 -3.19
C VAL A 134 -11.86 -12.90 -1.81
N GLU A 135 -12.95 -12.37 -1.28
CA GLU A 135 -13.56 -12.84 -0.03
C GLU A 135 -14.95 -13.36 -0.31
N VAL A 136 -15.36 -14.40 0.42
CA VAL A 136 -16.68 -14.99 0.29
C VAL A 136 -17.32 -15.07 1.67
N TYR A 137 -18.56 -14.58 1.78
CA TYR A 137 -19.28 -14.53 3.04
C TYR A 137 -20.60 -15.28 2.92
N ARG A 138 -21.00 -15.94 4.00
CA ARG A 138 -22.30 -16.58 4.10
C ARG A 138 -23.29 -15.58 4.69
N GLU A 139 -24.44 -15.44 4.03
CA GLU A 139 -25.47 -14.49 4.45
C GLU A 139 -26.69 -15.22 4.98
N ALA A 140 -27.44 -14.53 5.83
CA ALA A 140 -28.68 -15.07 6.38
C ALA A 140 -29.84 -14.74 5.45
N ALA B 20 13.69 6.81 23.86
CA ALA B 20 13.71 5.48 23.29
C ALA B 20 12.79 4.55 24.08
N SER B 21 12.27 3.52 23.42
CA SER B 21 11.36 2.59 24.06
C SER B 21 12.13 1.69 25.04
N GLU B 22 11.36 1.10 25.97
CA GLU B 22 11.96 0.39 27.09
C GLU B 22 12.83 -0.77 26.64
N ASN B 23 12.53 -1.38 25.50
CA ASN B 23 13.22 -2.59 25.06
C ASN B 23 14.44 -2.29 24.21
N LEU B 24 14.91 -1.04 24.18
CA LEU B 24 16.16 -0.72 23.49
C LEU B 24 17.32 -1.45 24.17
N ILE B 25 18.11 -2.16 23.38
CA ILE B 25 19.28 -2.85 23.90
C ILE B 25 20.59 -2.30 23.36
N TRP B 26 20.56 -1.54 22.26
CA TRP B 26 21.77 -0.90 21.76
C TRP B 26 21.39 0.21 20.80
N SER B 27 22.17 1.29 20.83
CA SER B 27 22.03 2.35 19.84
C SER B 27 23.42 2.96 19.61
N GLY B 28 23.68 3.35 18.37
CA GLY B 28 24.97 3.92 18.05
C GLY B 28 25.10 4.15 16.56
N LYS B 29 26.33 4.40 16.14
CA LYS B 29 26.62 4.73 14.75
C LYS B 29 27.31 3.58 14.05
N VAL B 30 27.07 3.50 12.74
CA VAL B 30 27.80 2.61 11.84
C VAL B 30 28.52 3.51 10.85
N ASP B 31 29.83 3.59 10.97
CA ASP B 31 30.61 4.48 10.13
C ASP B 31 30.86 3.85 8.77
N ALA B 32 30.65 4.63 7.71
CA ALA B 32 30.79 4.09 6.36
C ALA B 32 32.23 3.70 6.04
N LYS B 33 33.21 4.30 6.70
CA LYS B 33 34.61 4.02 6.41
C LYS B 33 35.16 2.85 7.22
N ASN B 34 34.37 2.28 8.12
CA ASN B 34 34.85 1.27 9.07
C ASN B 34 34.69 -0.10 8.42
N ALA B 35 35.79 -0.64 7.90
CA ALA B 35 35.77 -1.92 7.20
C ALA B 35 35.44 -3.08 8.12
N GLU B 36 35.60 -2.93 9.43
CA GLU B 36 35.25 -4.00 10.36
C GLU B 36 33.83 -3.89 10.89
N GLY B 37 33.16 -2.75 10.69
CA GLY B 37 31.81 -2.56 11.17
C GLY B 37 31.79 -2.31 12.67
N THR B 38 30.59 -1.99 13.17
CA THR B 38 30.38 -1.72 14.58
C THR B 38 30.01 -3.00 15.31
N ASN B 39 30.85 -3.42 16.24
CA ASN B 39 30.50 -4.53 17.13
C ASN B 39 29.60 -3.98 18.23
N THR B 40 28.31 -4.31 18.17
CA THR B 40 27.35 -3.76 19.12
C THR B 40 27.47 -4.40 20.50
N GLY B 41 28.12 -5.56 20.60
CA GLY B 41 28.16 -6.29 21.84
C GLY B 41 26.88 -7.02 22.20
N VAL B 42 25.85 -6.96 21.34
CA VAL B 42 24.59 -7.64 21.60
C VAL B 42 24.77 -9.13 21.30
N ALA B 43 24.56 -9.97 22.32
CA ALA B 43 24.66 -11.42 22.16
C ALA B 43 23.32 -11.99 21.72
N LEU B 44 23.33 -12.72 20.60
CA LEU B 44 22.11 -13.28 20.04
C LEU B 44 22.20 -14.79 19.99
N LYS B 45 21.03 -15.43 20.06
CA LYS B 45 20.88 -16.86 19.91
C LYS B 45 19.89 -17.13 18.79
N ALA B 46 20.08 -18.26 18.09
CA ALA B 46 19.18 -18.61 17.01
C ALA B 46 17.74 -18.63 17.50
N GLY B 47 16.87 -17.96 16.76
CA GLY B 47 15.46 -17.94 17.09
C GLY B 47 15.01 -16.80 17.97
N GLU B 48 15.94 -16.06 18.57
CA GLU B 48 15.57 -14.84 19.27
C GLU B 48 15.00 -13.82 18.29
N ILE B 49 14.23 -12.88 18.81
CA ILE B 49 13.52 -11.89 18.00
C ILE B 49 14.04 -10.51 18.38
N ILE B 50 14.52 -9.75 17.38
CA ILE B 50 14.97 -8.39 17.58
C ILE B 50 14.44 -7.51 16.45
N THR B 51 14.54 -6.20 16.66
CA THR B 51 14.18 -5.21 15.65
C THR B 51 15.37 -4.27 15.50
N ILE B 52 15.77 -4.02 14.24
CA ILE B 52 16.85 -3.11 13.92
C ILE B 52 16.28 -1.97 13.08
N LEU B 53 16.63 -0.74 13.41
CA LEU B 53 16.13 0.44 12.71
C LEU B 53 17.30 1.35 12.36
N ALA B 54 17.25 1.99 11.19
CA ALA B 54 18.41 2.75 10.75
C ALA B 54 18.00 3.93 9.86
N SER B 55 18.87 4.94 9.85
CA SER B 55 18.72 6.10 8.99
C SER B 55 20.09 6.75 8.81
N GLY B 56 20.18 7.64 7.83
CA GLY B 56 21.38 8.40 7.58
C GLY B 56 21.78 8.39 6.12
N TRP B 57 22.74 9.25 5.81
CA TRP B 57 23.32 9.35 4.48
C TRP B 57 24.80 9.00 4.54
N ALA B 58 25.25 8.18 3.61
CA ALA B 58 26.65 7.78 3.54
C ALA B 58 27.09 7.77 2.09
N ARG B 59 28.38 8.03 1.88
CA ARG B 59 28.98 7.97 0.56
C ARG B 59 29.91 6.77 0.49
N ASN B 60 29.80 6.01 -0.60
CA ASN B 60 30.72 4.92 -0.87
C ASN B 60 31.85 5.32 -1.82
N GLY B 61 31.99 6.61 -2.09
CA GLY B 61 33.04 7.09 -2.97
C GLY B 61 33.03 8.61 -3.02
N SER B 62 33.90 9.13 -3.89
CA SER B 62 34.05 10.59 -3.99
C SER B 62 32.98 11.20 -4.90
N GLU B 63 32.62 10.50 -5.99
CA GLU B 63 31.54 10.97 -6.86
C GLU B 63 30.31 11.28 -6.02
N ASN B 64 29.39 12.08 -6.55
CA ASN B 64 28.20 12.46 -5.80
C ASN B 64 26.96 11.70 -6.25
N PHE B 65 27.08 10.79 -7.21
CA PHE B 65 26.12 9.70 -7.32
C PHE B 65 26.49 8.54 -6.40
N ALA B 66 27.63 8.63 -5.71
CA ALA B 66 28.05 7.62 -4.75
C ALA B 66 27.40 7.81 -3.38
N LEU B 67 26.12 8.16 -3.36
CA LEU B 67 25.39 8.33 -2.11
C LEU B 67 24.55 7.09 -1.82
N THR B 68 24.39 6.80 -0.53
CA THR B 68 23.62 5.64 -0.10
C THR B 68 22.81 6.01 1.13
N ALA B 69 21.71 5.30 1.31
CA ALA B 69 20.95 5.28 2.55
C ALA B 69 21.10 3.87 3.11
N PRO B 70 20.59 3.58 4.30
CA PRO B 70 20.61 2.18 4.76
C PRO B 70 20.03 1.23 3.73
N GLN B 71 19.00 1.67 3.00
CA GLN B 71 18.33 0.88 1.97
C GLN B 71 19.15 0.74 0.69
N GLY B 72 20.37 1.26 0.64
CA GLY B 72 21.26 1.02 -0.48
C GLY B 72 21.63 2.29 -1.22
N ARG B 73 22.30 2.11 -2.35
CA ARG B 73 22.76 3.25 -3.15
C ARG B 73 21.60 3.86 -3.94
N ILE B 74 21.77 5.13 -4.28
CA ILE B 74 20.73 5.88 -4.98
C ILE B 74 20.62 5.37 -6.42
N PRO B 75 19.44 5.45 -7.04
CA PRO B 75 19.35 5.12 -8.47
C PRO B 75 20.20 6.09 -9.29
N ARG B 76 20.72 5.58 -10.40
CA ARG B 76 21.50 6.38 -11.33
C ARG B 76 20.67 6.72 -12.57
N GLU B 77 21.27 7.53 -13.43
CA GLU B 77 20.60 7.99 -14.63
C GLU B 77 20.02 6.83 -15.43
N GLY B 78 18.73 6.92 -15.75
CA GLY B 78 18.05 5.93 -16.55
C GLY B 78 17.59 4.70 -15.81
N GLU B 79 18.10 4.45 -14.61
CA GLU B 79 17.66 3.30 -13.84
C GLU B 79 16.27 3.55 -13.26
N THR B 80 15.53 2.45 -13.07
CA THR B 80 14.30 2.52 -12.31
C THR B 80 14.61 2.88 -10.86
N LEU B 81 13.55 3.18 -10.11
CA LEU B 81 13.67 3.61 -8.72
C LEU B 81 13.61 2.44 -7.74
N THR B 82 13.69 1.21 -8.23
CA THR B 82 13.62 0.04 -7.35
C THR B 82 14.84 -0.04 -6.45
N LEU B 83 14.63 -0.50 -5.22
CA LEU B 83 15.72 -0.60 -4.27
C LEU B 83 16.77 -1.58 -4.78
N ARG B 84 18.03 -1.26 -4.47
CA ARG B 84 19.13 -2.18 -4.71
C ARG B 84 19.44 -2.90 -3.40
N ASN B 85 20.56 -3.60 -3.35
CA ASN B 85 20.96 -4.25 -2.11
C ASN B 85 21.15 -3.20 -1.02
N PRO B 86 20.71 -3.47 0.21
CA PRO B 86 20.90 -2.50 1.28
C PRO B 86 22.37 -2.29 1.59
N SER B 87 22.68 -1.06 2.02
CA SER B 87 24.04 -0.72 2.44
C SER B 87 24.32 -1.13 3.87
N LEU B 88 23.29 -1.11 4.72
CA LEU B 88 23.45 -1.53 6.11
C LEU B 88 23.20 -3.03 6.20
N GLN B 89 24.18 -3.75 6.73
CA GLN B 89 24.12 -5.19 6.84
C GLN B 89 24.49 -5.60 8.26
N ALA B 90 24.10 -6.83 8.60
CA ALA B 90 24.42 -7.45 9.88
C ALA B 90 25.41 -8.57 9.63
N ARG B 91 26.39 -8.68 10.54
CA ARG B 91 27.34 -9.79 10.56
C ARG B 91 27.04 -10.61 11.80
N LEU B 92 26.77 -11.90 11.60
CA LEU B 92 26.41 -12.79 12.71
C LEU B 92 26.89 -14.19 12.35
N GLY B 93 27.70 -14.77 13.23
CA GLY B 93 28.25 -16.08 12.99
C GLY B 93 28.89 -16.22 11.61
N ASN B 94 29.77 -15.26 11.28
CA ASN B 94 30.52 -15.28 10.02
C ASN B 94 29.60 -15.39 8.80
N GLU B 95 28.39 -14.83 8.90
CA GLU B 95 27.50 -14.69 7.77
C GLU B 95 26.89 -13.30 7.78
N ASN B 96 26.66 -12.73 6.61
CA ASN B 96 26.11 -11.39 6.50
C ASN B 96 24.65 -11.45 6.09
N TYR B 97 23.85 -10.55 6.65
CA TYR B 97 22.42 -10.49 6.42
C TYR B 97 22.00 -9.07 6.08
N PRO B 98 21.09 -8.90 5.12
CA PRO B 98 20.62 -7.55 4.80
C PRO B 98 19.80 -6.97 5.94
N VAL B 99 19.97 -5.66 6.17
CA VAL B 99 19.21 -4.95 7.19
C VAL B 99 18.47 -3.78 6.56
N GLY B 100 19.20 -2.90 5.88
CA GLY B 100 18.56 -1.75 5.27
C GLY B 100 18.00 -0.78 6.30
N ASN B 101 16.88 -0.15 5.95
CA ASN B 101 16.26 0.82 6.84
C ASN B 101 15.71 0.16 8.11
N HIS B 102 15.29 -1.09 8.01
CA HIS B 102 14.64 -1.74 9.13
C HIS B 102 14.61 -3.24 8.91
N LYS B 103 14.84 -3.98 9.97
CA LYS B 103 14.61 -5.43 10.04
C LYS B 103 13.70 -5.62 11.25
N TYR B 104 12.40 -5.76 11.01
CA TYR B 104 11.41 -5.73 12.07
C TYR B 104 11.06 -7.14 12.52
N ARG B 105 11.14 -7.38 13.82
CA ARG B 105 10.81 -8.68 14.41
C ARG B 105 11.53 -9.79 13.66
N TRP B 106 12.82 -9.59 13.48
CA TRP B 106 13.69 -10.54 12.79
C TRP B 106 13.92 -11.75 13.69
N SER B 107 13.58 -12.94 13.18
CA SER B 107 13.92 -14.18 13.88
C SER B 107 15.39 -14.50 13.59
N VAL B 108 16.25 -14.27 14.57
CA VAL B 108 17.70 -14.34 14.35
C VAL B 108 18.09 -15.75 13.90
N PRO B 109 18.80 -15.90 12.79
CA PRO B 109 19.08 -17.24 12.26
C PRO B 109 20.37 -17.89 12.72
N ALA B 110 21.15 -17.21 13.55
CA ALA B 110 22.42 -17.75 13.99
C ALA B 110 22.81 -17.08 15.30
N GLU B 111 23.70 -17.74 16.03
CA GLU B 111 24.15 -17.21 17.31
C GLU B 111 25.42 -16.39 17.14
N GLY B 112 25.63 -15.47 18.07
CA GLY B 112 26.86 -14.70 18.09
C GLY B 112 26.62 -13.25 18.48
N THR B 113 27.69 -12.46 18.50
CA THR B 113 27.58 -11.03 18.76
C THR B 113 27.20 -10.32 17.47
N LEU B 114 26.24 -9.39 17.58
CA LEU B 114 25.75 -8.67 16.41
C LEU B 114 26.73 -7.57 16.03
N THR B 115 27.22 -7.63 14.80
CA THR B 115 28.01 -6.55 14.22
C THR B 115 27.19 -5.94 13.08
N LEU B 116 27.22 -4.63 12.98
CA LEU B 116 26.52 -3.89 11.93
C LEU B 116 27.56 -3.14 11.11
N PHE B 117 27.47 -3.24 9.79
CA PHE B 117 28.50 -2.65 8.96
C PHE B 117 27.90 -2.05 7.69
N PHE B 118 28.66 -1.12 7.13
CA PHE B 118 28.41 -0.55 5.82
C PHE B 118 29.07 -1.43 4.77
N ALA B 119 28.30 -1.87 3.77
CA ALA B 119 28.79 -2.84 2.80
C ALA B 119 29.62 -2.16 1.72
N ASP B 120 30.88 -2.56 1.59
CA ASP B 120 31.79 -2.07 0.56
C ASP B 120 32.83 -3.17 0.35
N GLY B 121 33.65 -3.01 -0.68
CA GLY B 121 34.80 -3.90 -0.83
C GLY B 121 35.88 -3.55 0.18
N LYS B 122 36.52 -4.59 0.71
CA LYS B 122 37.43 -4.36 1.84
C LYS B 122 38.58 -3.43 1.45
N ASP B 123 38.90 -3.35 0.17
CA ASP B 123 39.96 -2.47 -0.30
C ASP B 123 39.44 -1.09 -0.73
N GLN B 124 38.18 -0.77 -0.47
CA GLN B 124 37.57 0.44 -1.01
C GLN B 124 36.86 1.29 0.05
N TYR B 125 37.21 1.12 1.33
CA TYR B 125 36.49 1.84 2.37
C TYR B 125 37.02 3.25 2.62
N LYS B 126 38.27 3.54 2.23
CA LYS B 126 38.90 4.77 2.69
C LYS B 126 38.36 6.02 2.01
N ASP B 127 37.64 5.88 0.89
CA ASP B 127 37.04 7.04 0.22
C ASP B 127 35.58 7.23 0.60
N ASN B 128 35.10 6.51 1.61
CA ASN B 128 33.72 6.63 2.05
C ASN B 128 33.56 7.78 3.04
N ALA B 129 32.30 8.10 3.34
CA ALA B 129 32.00 9.20 4.24
C ALA B 129 30.63 8.98 4.84
N GLY B 130 30.41 9.60 6.00
CA GLY B 130 29.11 9.54 6.64
C GLY B 130 28.95 8.35 7.56
N GLU B 131 27.75 8.26 8.12
CA GLU B 131 27.43 7.23 9.09
C GLU B 131 25.93 7.01 9.10
N PHE B 132 25.53 5.82 9.52
CA PHE B 132 24.14 5.51 9.81
C PHE B 132 23.92 5.52 11.32
N SER B 133 22.77 6.02 11.74
CA SER B 133 22.31 5.91 13.12
C SER B 133 21.40 4.69 13.23
N VAL B 134 21.72 3.80 14.16
CA VAL B 134 21.04 2.51 14.26
C VAL B 134 20.55 2.29 15.68
N GLU B 135 19.39 1.65 15.79
CA GLU B 135 18.80 1.25 17.06
C GLU B 135 18.49 -0.24 16.97
N VAL B 136 18.71 -0.96 18.07
CA VAL B 136 18.44 -2.39 18.15
C VAL B 136 17.56 -2.65 19.36
N TYR B 137 16.45 -3.35 19.15
CA TYR B 137 15.47 -3.64 20.19
C TYR B 137 15.28 -5.14 20.33
N ARG B 138 15.02 -5.58 21.57
CA ARG B 138 14.62 -6.95 21.82
C ARG B 138 13.10 -7.02 21.89
N GLU B 139 12.52 -8.02 21.22
CA GLU B 139 11.08 -8.16 21.14
C GLU B 139 10.62 -9.39 21.92
N ALA C 20 5.28 -11.78 6.41
CA ALA C 20 4.94 -10.59 7.18
C ALA C 20 4.58 -10.96 8.62
N SER C 21 4.98 -10.14 9.57
CA SER C 21 4.73 -10.48 10.96
C SER C 21 3.25 -10.31 11.29
N GLU C 22 2.83 -10.96 12.37
CA GLU C 22 1.43 -11.27 12.61
C GLU C 22 0.62 -10.06 13.04
N ASN C 23 1.28 -9.00 13.53
CA ASN C 23 0.60 -7.80 13.98
C ASN C 23 0.53 -6.73 12.89
N LEU C 24 0.76 -7.10 11.64
CA LEU C 24 0.58 -6.17 10.53
C LEU C 24 -0.90 -5.82 10.40
N ILE C 25 -1.20 -4.53 10.33
CA ILE C 25 -2.57 -4.07 10.13
C ILE C 25 -2.77 -3.31 8.83
N TRP C 26 -1.70 -2.87 8.16
CA TRP C 26 -1.85 -2.24 6.86
C TRP C 26 -0.50 -2.22 6.15
N SER C 27 -0.55 -2.37 4.82
CA SER C 27 0.63 -2.23 3.99
C SER C 27 0.19 -1.65 2.65
N GLY C 28 1.04 -0.83 2.06
CA GLY C 28 0.70 -0.22 0.78
C GLY C 28 1.75 0.79 0.36
N LYS C 29 1.35 1.63 -0.58
CA LYS C 29 2.25 2.60 -1.18
C LYS C 29 1.84 4.02 -0.81
N VAL C 30 2.84 4.89 -0.73
CA VAL C 30 2.65 6.33 -0.60
C VAL C 30 3.24 6.96 -1.85
N ASP C 31 2.39 7.59 -2.66
CA ASP C 31 2.77 8.09 -3.96
C ASP C 31 3.37 9.49 -3.84
N ALA C 32 4.51 9.69 -4.49
CA ALA C 32 5.17 10.99 -4.45
C ALA C 32 4.35 12.07 -5.15
N LYS C 33 3.41 11.70 -6.01
CA LYS C 33 2.66 12.69 -6.76
C LYS C 33 1.35 13.08 -6.09
N ASN C 34 0.95 12.41 -5.01
CA ASN C 34 -0.37 12.59 -4.40
C ASN C 34 -0.26 13.52 -3.20
N ALA C 35 -0.57 14.81 -3.40
CA ALA C 35 -0.57 15.74 -2.28
C ALA C 35 -1.55 15.31 -1.19
N GLU C 36 -2.59 14.57 -1.56
CA GLU C 36 -3.60 14.13 -0.61
C GLU C 36 -3.15 12.94 0.24
N GLY C 37 -2.05 12.29 -0.13
CA GLY C 37 -1.55 11.15 0.63
C GLY C 37 -2.39 9.90 0.42
N THR C 38 -1.95 8.85 1.10
CA THR C 38 -2.64 7.56 1.10
C THR C 38 -3.46 7.46 2.39
N ASN C 39 -4.75 7.24 2.23
CA ASN C 39 -5.61 6.98 3.39
C ASN C 39 -5.51 5.50 3.73
N THR C 40 -4.80 5.18 4.82
CA THR C 40 -4.62 3.79 5.20
C THR C 40 -5.88 3.17 5.78
N GLY C 41 -6.84 3.99 6.20
CA GLY C 41 -8.03 3.45 6.82
C GLY C 41 -7.83 2.87 8.21
N VAL C 42 -6.62 3.01 8.77
CA VAL C 42 -6.35 2.58 10.13
C VAL C 42 -6.96 3.61 11.07
N ALA C 43 -8.01 3.20 11.79
CA ALA C 43 -8.74 4.08 12.70
C ALA C 43 -8.10 3.97 14.08
N LEU C 44 -7.47 5.05 14.53
CA LEU C 44 -6.67 5.03 15.75
C LEU C 44 -7.38 5.75 16.88
N LYS C 45 -7.09 5.30 18.10
CA LYS C 45 -7.49 5.98 19.32
C LYS C 45 -6.23 6.58 19.96
N ALA C 46 -6.37 7.78 20.51
CA ALA C 46 -5.24 8.42 21.18
C ALA C 46 -4.61 7.48 22.19
N GLY C 47 -3.29 7.37 22.15
CA GLY C 47 -2.55 6.54 23.08
C GLY C 47 -2.33 5.11 22.62
N GLU C 48 -2.98 4.68 21.55
CA GLU C 48 -2.63 3.39 20.95
C GLU C 48 -1.21 3.46 20.41
N ILE C 49 -0.58 2.29 20.29
CA ILE C 49 0.82 2.20 19.89
C ILE C 49 0.89 1.47 18.56
N ILE C 50 1.51 2.09 17.58
CA ILE C 50 1.72 1.50 16.27
C ILE C 50 3.19 1.67 15.89
N THR C 51 3.61 0.89 14.90
CA THR C 51 4.93 1.01 14.30
C THR C 51 4.76 1.18 12.80
N ILE C 52 5.44 2.18 12.23
CA ILE C 52 5.41 2.46 10.81
C ILE C 52 6.82 2.26 10.26
N LEU C 53 6.93 1.47 9.19
CA LEU C 53 8.21 1.23 8.54
C LEU C 53 8.09 1.56 7.05
N ALA C 54 9.16 2.09 6.47
CA ALA C 54 9.09 2.54 5.09
C ALA C 54 10.42 2.39 4.38
N SER C 55 10.35 2.34 3.05
CA SER C 55 11.53 2.28 2.21
C SER C 55 11.13 2.68 0.80
N GLY C 56 12.13 2.95 -0.03
CA GLY C 56 11.92 3.25 -1.44
C GLY C 56 12.60 4.53 -1.86
N TRP C 57 12.67 4.71 -3.18
CA TRP C 57 13.20 5.92 -3.80
C TRP C 57 12.09 6.64 -4.56
N ALA C 58 11.95 7.94 -4.31
CA ALA C 58 11.00 8.77 -5.02
C ALA C 58 11.69 10.07 -5.42
N ARG C 59 11.28 10.61 -6.56
CA ARG C 59 11.82 11.87 -7.05
C ARG C 59 10.87 13.00 -6.71
N ASN C 60 11.41 14.11 -6.22
CA ASN C 60 10.64 15.32 -6.00
C ASN C 60 10.85 16.35 -7.10
N GLY C 61 11.49 15.95 -8.20
CA GLY C 61 11.72 16.85 -9.31
C GLY C 61 12.15 16.09 -10.53
N SER C 62 12.50 16.85 -11.57
CA SER C 62 12.79 16.28 -12.88
C SER C 62 14.23 15.81 -13.06
N GLU C 63 15.14 16.26 -12.21
CA GLU C 63 16.56 16.16 -12.49
C GLU C 63 17.23 15.00 -11.76
N ASN C 64 18.48 14.76 -12.14
CA ASN C 64 19.36 13.80 -11.48
C ASN C 64 19.18 13.81 -9.96
N PHE C 65 19.46 14.96 -9.36
CA PHE C 65 19.64 15.10 -7.92
C PHE C 65 18.34 15.17 -7.15
N ALA C 66 17.19 15.24 -7.82
CA ALA C 66 15.91 15.42 -7.15
C ALA C 66 15.40 14.08 -6.63
N LEU C 67 16.21 13.46 -5.77
CA LEU C 67 15.92 12.15 -5.21
C LEU C 67 15.62 12.24 -3.72
N THR C 68 14.73 11.37 -3.27
CA THR C 68 14.38 11.29 -1.86
C THR C 68 14.21 9.84 -1.43
N ALA C 69 14.47 9.60 -0.17
CA ALA C 69 14.08 8.40 0.55
C ALA C 69 13.04 8.79 1.58
N PRO C 70 12.46 7.82 2.30
CA PRO C 70 11.54 8.20 3.38
C PRO C 70 12.15 9.22 4.34
N GLN C 71 13.46 9.11 4.58
CA GLN C 71 14.20 10.00 5.48
C GLN C 71 14.52 11.37 4.88
N GLY C 72 14.03 11.68 3.69
CA GLY C 72 14.15 13.01 3.13
C GLY C 72 15.00 13.04 1.87
N ARG C 73 15.25 14.25 1.38
CA ARG C 73 15.97 14.43 0.13
C ARG C 73 17.46 14.17 0.31
N ILE C 74 18.12 13.80 -0.78
CA ILE C 74 19.53 13.46 -0.73
C ILE C 74 20.35 14.74 -0.50
N PRO C 75 21.49 14.65 0.17
CA PRO C 75 22.40 15.81 0.21
C PRO C 75 22.89 16.15 -1.18
N ARG C 76 23.24 17.42 -1.36
CA ARG C 76 23.82 17.90 -2.61
C ARG C 76 25.24 18.39 -2.34
N GLU C 77 25.95 18.72 -3.41
CA GLU C 77 27.31 19.23 -3.27
C GLU C 77 27.32 20.46 -2.37
N GLY C 78 28.33 20.54 -1.51
CA GLY C 78 28.42 21.62 -0.56
C GLY C 78 27.58 21.46 0.68
N GLU C 79 27.00 20.28 0.89
CA GLU C 79 26.17 20.00 2.06
C GLU C 79 26.78 18.84 2.84
N THR C 80 26.64 18.90 4.16
CA THR C 80 26.97 17.77 5.00
C THR C 80 25.97 16.63 4.74
N LEU C 81 26.28 15.46 5.30
CA LEU C 81 25.44 14.29 5.11
C LEU C 81 24.36 14.15 6.18
N THR C 82 24.03 15.22 6.89
CA THR C 82 23.04 15.14 7.96
C THR C 82 21.63 15.08 7.40
N LEU C 83 20.76 14.36 8.10
CA LEU C 83 19.37 14.26 7.69
C LEU C 83 18.70 15.62 7.72
N ARG C 84 17.87 15.89 6.72
CA ARG C 84 16.93 16.99 6.73
C ARG C 84 15.56 16.42 7.15
N ASN C 85 14.50 17.20 6.95
CA ASN C 85 13.18 16.74 7.36
C ASN C 85 12.77 15.55 6.48
N PRO C 86 12.02 14.59 7.04
CA PRO C 86 11.67 13.40 6.26
C PRO C 86 10.66 13.68 5.17
N SER C 87 10.76 12.89 4.10
CA SER C 87 9.81 13.01 2.99
C SER C 87 8.53 12.22 3.25
N LEU C 88 8.59 11.18 4.07
CA LEU C 88 7.39 10.44 4.47
C LEU C 88 6.89 11.03 5.78
N GLN C 89 5.63 11.45 5.80
CA GLN C 89 5.04 12.03 6.98
C GLN C 89 3.64 11.45 7.17
N ALA C 90 3.10 11.65 8.36
CA ALA C 90 1.79 11.14 8.74
C ALA C 90 0.87 12.32 9.03
N ARG C 91 -0.39 12.16 8.63
CA ARG C 91 -1.45 13.14 8.89
C ARG C 91 -2.48 12.46 9.77
N LEU C 92 -2.69 13.02 10.96
CA LEU C 92 -3.63 12.45 11.92
C LEU C 92 -4.22 13.59 12.74
N GLY C 93 -5.55 13.63 12.81
CA GLY C 93 -6.20 14.69 13.55
C GLY C 93 -5.79 16.08 13.10
N ASN C 94 -5.64 16.27 11.79
CA ASN C 94 -5.33 17.57 11.20
C ASN C 94 -3.96 18.11 11.64
N GLU C 95 -3.06 17.22 12.01
CA GLU C 95 -1.68 17.59 12.29
C GLU C 95 -0.76 16.66 11.50
N ASN C 96 0.40 17.18 11.11
CA ASN C 96 1.40 16.41 10.39
C ASN C 96 2.53 16.02 11.33
N TYR C 97 3.03 14.80 11.18
CA TYR C 97 4.07 14.26 12.02
C TYR C 97 5.14 13.60 11.16
N PRO C 98 6.42 13.75 11.54
CA PRO C 98 7.48 13.07 10.77
C PRO C 98 7.42 11.57 10.97
N VAL C 99 7.64 10.83 9.89
CA VAL C 99 7.75 9.39 9.92
C VAL C 99 9.13 8.91 9.50
N GLY C 100 9.58 9.34 8.32
CA GLY C 100 10.85 8.91 7.82
C GLY C 100 10.89 7.42 7.53
N ASN C 101 12.07 6.83 7.74
CA ASN C 101 12.25 5.40 7.49
C ASN C 101 11.46 4.55 8.48
N HIS C 102 11.25 5.05 9.70
CA HIS C 102 10.64 4.24 10.74
C HIS C 102 10.13 5.14 11.85
N LYS C 103 8.95 4.79 12.37
CA LYS C 103 8.39 5.42 13.56
C LYS C 103 7.96 4.24 14.46
N TYR C 104 8.83 3.87 15.38
CA TYR C 104 8.72 2.62 16.12
C TYR C 104 8.01 2.85 17.45
N ARG C 105 7.03 2.01 17.74
CA ARG C 105 6.23 2.11 18.95
C ARG C 105 5.78 3.55 19.17
N TRP C 106 5.16 4.11 18.13
CA TRP C 106 4.62 5.47 18.17
C TRP C 106 3.30 5.47 18.93
N SER C 107 3.24 6.25 20.00
CA SER C 107 2.01 6.40 20.76
C SER C 107 1.20 7.51 20.10
N VAL C 108 0.11 7.14 19.43
CA VAL C 108 -0.58 8.05 18.52
C VAL C 108 -1.06 9.27 19.28
N PRO C 109 -0.88 10.49 18.75
CA PRO C 109 -1.22 11.69 19.52
C PRO C 109 -2.70 12.03 19.54
N ALA C 110 -3.52 11.49 18.64
CA ALA C 110 -4.92 11.88 18.59
C ALA C 110 -5.73 10.80 17.89
N GLU C 111 -7.04 10.86 18.09
CA GLU C 111 -7.96 9.92 17.49
C GLU C 111 -8.29 10.33 16.05
N GLY C 112 -8.34 9.35 15.17
CA GLY C 112 -8.70 9.61 13.78
C GLY C 112 -8.07 8.57 12.88
N THR C 113 -8.33 8.75 11.58
CA THR C 113 -7.84 7.85 10.55
C THR C 113 -6.45 8.28 10.10
N LEU C 114 -5.57 7.31 9.91
CA LEU C 114 -4.17 7.57 9.61
C LEU C 114 -3.99 7.76 8.11
N THR C 115 -3.50 8.92 7.72
CA THR C 115 -3.05 9.18 6.35
C THR C 115 -1.53 9.27 6.37
N LEU C 116 -0.91 8.69 5.34
CA LEU C 116 0.53 8.75 5.14
C LEU C 116 0.78 9.44 3.82
N PHE C 117 1.63 10.47 3.81
CA PHE C 117 1.78 11.27 2.62
C PHE C 117 3.25 11.60 2.35
N PHE C 118 3.53 11.82 1.07
CA PHE C 118 4.82 12.33 0.62
C PHE C 118 4.82 13.85 0.77
N ALA C 119 5.80 14.36 1.51
CA ALA C 119 5.87 15.79 1.81
C ALA C 119 6.57 16.52 0.67
N ASP C 120 5.86 17.45 0.04
CA ASP C 120 6.45 18.32 -0.97
C ASP C 120 5.76 19.67 -0.87
N GLY C 121 6.37 20.66 -1.51
CA GLY C 121 5.77 21.99 -1.54
C GLY C 121 4.41 21.97 -2.21
N LYS C 122 3.53 22.82 -1.73
CA LYS C 122 2.22 22.98 -2.35
C LYS C 122 2.38 23.41 -3.80
N ASP C 123 1.58 22.81 -4.68
CA ASP C 123 1.62 23.04 -6.11
C ASP C 123 2.92 22.60 -6.74
N GLN C 124 3.74 21.83 -6.01
CA GLN C 124 5.02 21.36 -6.51
C GLN C 124 5.05 19.85 -6.71
N TYR C 125 3.89 19.19 -6.69
CA TYR C 125 3.85 17.74 -6.75
C TYR C 125 3.88 17.19 -8.17
N LYS C 126 3.55 18.00 -9.18
CA LYS C 126 3.32 17.45 -10.51
C LYS C 126 4.59 16.92 -11.18
N ASP C 127 5.76 17.31 -10.69
CA ASP C 127 7.02 16.85 -11.27
C ASP C 127 7.66 15.72 -10.46
N ASN C 128 6.90 15.08 -9.57
CA ASN C 128 7.43 14.00 -8.75
C ASN C 128 7.22 12.66 -9.45
N ALA C 129 7.91 11.64 -8.93
CA ALA C 129 7.79 10.30 -9.46
C ALA C 129 8.13 9.31 -8.36
N GLY C 130 7.57 8.11 -8.45
CA GLY C 130 7.90 7.05 -7.54
C GLY C 130 7.01 7.02 -6.32
N GLU C 131 7.37 6.11 -5.40
CA GLU C 131 6.53 5.82 -4.26
C GLU C 131 7.35 5.17 -3.16
N PHE C 132 6.83 5.25 -1.93
CA PHE C 132 7.40 4.54 -0.79
C PHE C 132 6.53 3.33 -0.46
N SER C 133 7.18 2.22 -0.14
CA SER C 133 6.50 1.04 0.39
C SER C 133 6.46 1.16 1.91
N VAL C 134 5.27 1.04 2.49
CA VAL C 134 5.07 1.32 3.90
C VAL C 134 4.27 0.20 4.55
N GLU C 135 4.66 -0.13 5.79
CA GLU C 135 4.01 -1.15 6.61
C GLU C 135 3.63 -0.52 7.94
N VAL C 136 2.44 -0.87 8.44
CA VAL C 136 1.95 -0.37 9.72
C VAL C 136 1.60 -1.58 10.59
N TYR C 137 2.11 -1.59 11.83
CA TYR C 137 1.92 -2.67 12.78
C TYR C 137 1.27 -2.15 14.06
N ARG C 138 0.41 -2.96 14.65
CA ARG C 138 -0.14 -2.69 15.97
C ARG C 138 0.79 -3.29 17.02
N GLU C 139 1.11 -2.50 18.04
CA GLU C 139 2.00 -2.97 19.11
C GLU C 139 1.25 -3.10 20.43
N SER D 21 -30.69 -6.91 -1.72
CA SER D 21 -31.08 -5.60 -2.27
C SER D 21 -32.25 -5.02 -1.48
N GLU D 22 -32.92 -5.88 -0.71
CA GLU D 22 -34.05 -5.42 0.10
C GLU D 22 -33.61 -4.37 1.10
N ASN D 23 -32.38 -4.47 1.59
CA ASN D 23 -31.84 -3.58 2.59
C ASN D 23 -31.08 -2.41 1.99
N LEU D 24 -31.34 -2.07 0.73
CA LEU D 24 -30.69 -0.94 0.09
C LEU D 24 -31.21 0.36 0.68
N ILE D 25 -30.31 1.21 1.18
CA ILE D 25 -30.71 2.48 1.75
C ILE D 25 -30.25 3.68 0.93
N TRP D 26 -29.41 3.49 -0.07
CA TRP D 26 -29.03 4.58 -0.96
C TRP D 26 -28.29 4.02 -2.17
N SER D 27 -28.50 4.65 -3.31
CA SER D 27 -27.78 4.32 -4.54
C SER D 27 -27.60 5.60 -5.34
N GLY D 28 -26.44 5.77 -5.95
CA GLY D 28 -26.20 6.98 -6.70
C GLY D 28 -24.82 6.99 -7.32
N LYS D 29 -24.42 8.16 -7.79
CA LYS D 29 -23.15 8.37 -8.46
C LYS D 29 -22.22 9.21 -7.60
N VAL D 30 -20.93 8.97 -7.73
CA VAL D 30 -19.90 9.81 -7.15
C VAL D 30 -19.09 10.37 -8.32
N ASP D 31 -19.25 11.67 -8.57
CA ASP D 31 -18.58 12.31 -9.69
C ASP D 31 -17.13 12.60 -9.36
N ALA D 32 -16.23 12.28 -10.29
CA ALA D 32 -14.81 12.44 -10.05
C ALA D 32 -14.37 13.90 -10.01
N LYS D 33 -15.16 14.81 -10.58
CA LYS D 33 -14.78 16.22 -10.62
C LYS D 33 -15.31 17.02 -9.44
N ASN D 34 -16.03 16.38 -8.51
CA ASN D 34 -16.66 17.07 -7.40
C ASN D 34 -15.79 16.90 -6.15
N ALA D 35 -15.05 17.96 -5.80
CA ALA D 35 -14.18 17.90 -4.63
C ALA D 35 -14.97 17.78 -3.33
N GLU D 36 -16.24 18.17 -3.33
CA GLU D 36 -17.06 18.08 -2.12
C GLU D 36 -17.70 16.71 -1.96
N GLY D 37 -17.66 15.86 -2.98
CA GLY D 37 -18.24 14.54 -2.89
C GLY D 37 -19.76 14.58 -3.01
N THR D 38 -20.35 13.40 -2.86
CA THR D 38 -21.80 13.24 -2.92
C THR D 38 -22.33 13.13 -1.49
N ASN D 39 -23.24 14.02 -1.13
CA ASN D 39 -23.96 13.93 0.14
C ASN D 39 -25.08 12.93 -0.05
N THR D 40 -24.91 11.71 0.49
CA THR D 40 -25.93 10.70 0.32
C THR D 40 -27.19 11.01 1.10
N GLY D 41 -27.12 11.93 2.07
CA GLY D 41 -28.24 12.19 2.93
C GLY D 41 -28.56 11.07 3.90
N VAL D 42 -27.80 9.99 3.90
CA VAL D 42 -28.00 8.90 4.86
C VAL D 42 -27.48 9.35 6.21
N ALA D 43 -28.38 9.45 7.19
CA ALA D 43 -28.01 9.79 8.55
C ALA D 43 -27.68 8.52 9.32
N LEU D 44 -26.48 8.47 9.90
CA LEU D 44 -26.01 7.30 10.62
C LEU D 44 -25.74 7.66 12.07
N LYS D 45 -25.89 6.66 12.94
CA LYS D 45 -25.49 6.75 14.33
C LYS D 45 -24.44 5.68 14.60
N ALA D 46 -23.60 5.94 15.60
CA ALA D 46 -22.53 5.01 15.93
C ALA D 46 -23.10 3.63 16.25
N GLY D 47 -22.40 2.60 15.79
CA GLY D 47 -22.78 1.22 16.02
C GLY D 47 -23.57 0.61 14.87
N GLU D 48 -24.35 1.41 14.16
CA GLU D 48 -25.05 0.90 12.98
C GLU D 48 -24.05 0.30 12.01
N ILE D 49 -24.49 -0.71 11.25
CA ILE D 49 -23.64 -1.47 10.35
C ILE D 49 -24.16 -1.30 8.94
N ILE D 50 -23.27 -0.87 8.03
CA ILE D 50 -23.63 -0.66 6.64
C ILE D 50 -22.60 -1.34 5.74
N THR D 51 -23.04 -1.62 4.52
CA THR D 51 -22.16 -2.13 3.46
C THR D 51 -22.20 -1.17 2.29
N ILE D 52 -21.04 -0.84 1.76
CA ILE D 52 -20.89 0.08 0.64
C ILE D 52 -20.21 -0.69 -0.50
N LEU D 53 -20.81 -0.62 -1.69
CA LEU D 53 -20.29 -1.31 -2.87
C LEU D 53 -20.18 -0.31 -4.01
N ALA D 54 -19.13 -0.46 -4.82
CA ALA D 54 -18.83 0.54 -5.84
C ALA D 54 -18.19 -0.09 -7.05
N SER D 55 -18.38 0.57 -8.20
CA SER D 55 -17.76 0.15 -9.45
C SER D 55 -17.70 1.34 -10.38
N GLY D 56 -16.90 1.22 -11.42
CA GLY D 56 -16.82 2.22 -12.47
C GLY D 56 -15.40 2.61 -12.79
N TRP D 57 -15.29 3.44 -13.83
CA TRP D 57 -14.01 3.97 -14.30
C TRP D 57 -14.08 5.49 -14.28
N ALA D 58 -13.03 6.12 -13.75
CA ALA D 58 -12.94 7.57 -13.71
C ALA D 58 -11.50 7.98 -13.99
N ARG D 59 -11.35 9.15 -14.61
CA ARG D 59 -10.05 9.72 -14.90
C ARG D 59 -9.76 10.84 -13.91
N ASN D 60 -8.52 10.88 -13.41
CA ASN D 60 -8.05 11.98 -12.57
C ASN D 60 -7.11 12.91 -13.32
N GLY D 61 -7.07 12.83 -14.64
CA GLY D 61 -6.22 13.68 -15.44
C GLY D 61 -6.51 13.48 -16.91
N SER D 62 -5.82 14.27 -17.73
CA SER D 62 -6.05 14.25 -19.17
C SER D 62 -5.37 13.09 -19.89
N GLU D 63 -4.39 12.45 -19.25
CA GLU D 63 -3.53 11.51 -19.93
C GLU D 63 -4.13 10.11 -19.96
N ASN D 64 -3.65 9.31 -20.91
CA ASN D 64 -3.95 7.88 -20.92
C ASN D 64 -3.65 7.26 -19.55
N PHE D 65 -2.54 7.67 -18.95
CA PHE D 65 -2.15 7.16 -17.64
C PHE D 65 -3.27 7.28 -16.62
N ALA D 66 -4.04 8.37 -16.68
CA ALA D 66 -4.77 8.88 -15.52
C ALA D 66 -6.16 8.25 -15.43
N LEU D 67 -6.16 6.95 -15.15
CA LEU D 67 -7.38 6.18 -14.99
C LEU D 67 -7.44 5.61 -13.57
N THR D 68 -8.65 5.56 -13.01
CA THR D 68 -8.87 5.00 -11.69
C THR D 68 -10.10 4.11 -11.71
N ALA D 69 -10.12 3.17 -10.76
CA ALA D 69 -11.30 2.44 -10.33
C ALA D 69 -11.57 2.84 -8.88
N PRO D 70 -12.65 2.40 -8.27
CA PRO D 70 -12.85 2.71 -6.84
C PRO D 70 -11.65 2.28 -6.01
N GLN D 71 -10.97 1.21 -6.41
CA GLN D 71 -9.79 0.69 -5.73
C GLN D 71 -8.51 1.47 -6.04
N GLY D 72 -8.60 2.63 -6.66
CA GLY D 72 -7.46 3.50 -6.86
C GLY D 72 -6.97 3.49 -8.29
N ARG D 73 -5.86 4.20 -8.51
CA ARG D 73 -5.35 4.39 -9.86
C ARG D 73 -4.78 3.09 -10.42
N ILE D 74 -4.72 3.03 -11.74
CA ILE D 74 -4.16 1.87 -12.43
C ILE D 74 -2.65 1.90 -12.25
N PRO D 75 -1.98 0.74 -12.23
CA PRO D 75 -0.51 0.75 -12.33
C PRO D 75 -0.08 1.28 -13.68
N ARG D 76 1.06 1.97 -13.68
CA ARG D 76 1.67 2.50 -14.90
C ARG D 76 2.79 1.57 -15.34
N GLU D 77 3.36 1.88 -16.51
CA GLU D 77 4.43 1.05 -17.06
C GLU D 77 5.56 0.89 -16.07
N GLY D 78 6.00 -0.36 -15.88
CA GLY D 78 7.09 -0.65 -15.00
C GLY D 78 6.73 -0.76 -13.53
N GLU D 79 5.48 -0.47 -13.16
CA GLU D 79 5.07 -0.54 -11.77
C GLU D 79 4.50 -1.92 -11.46
N THR D 80 4.61 -2.31 -10.18
CA THR D 80 3.94 -3.50 -9.71
C THR D 80 2.43 -3.31 -9.79
N LEU D 81 1.70 -4.43 -9.72
CA LEU D 81 0.25 -4.41 -9.83
C LEU D 81 -0.44 -4.19 -8.48
N THR D 82 0.24 -3.57 -7.53
CA THR D 82 -0.33 -3.38 -6.20
C THR D 82 -1.50 -2.41 -6.22
N LEU D 83 -2.46 -2.63 -5.32
CA LEU D 83 -3.46 -1.61 -5.06
C LEU D 83 -2.78 -0.39 -4.46
N ARG D 84 -3.14 0.80 -4.95
CA ARG D 84 -2.63 2.05 -4.42
C ARG D 84 -3.78 2.80 -3.74
N ASN D 85 -3.61 4.10 -3.55
CA ASN D 85 -4.57 4.84 -2.72
C ASN D 85 -5.99 4.66 -3.23
N PRO D 86 -6.93 4.24 -2.39
CA PRO D 86 -8.31 4.08 -2.86
C PRO D 86 -8.89 5.39 -3.35
N SER D 87 -9.47 5.36 -4.55
CA SER D 87 -10.03 6.57 -5.15
C SER D 87 -11.38 6.92 -4.55
N LEU D 88 -12.17 5.94 -4.16
CA LEU D 88 -13.45 6.17 -3.50
C LEU D 88 -13.25 6.08 -1.99
N GLN D 89 -13.67 7.12 -1.27
CA GLN D 89 -13.57 7.18 0.17
C GLN D 89 -14.85 7.75 0.73
N ALA D 90 -15.03 7.60 2.04
CA ALA D 90 -16.19 8.11 2.77
C ALA D 90 -15.74 9.12 3.80
N ARG D 91 -16.59 10.11 4.04
CA ARG D 91 -16.38 11.09 5.10
C ARG D 91 -17.53 10.99 6.08
N LEU D 92 -17.19 10.83 7.36
CA LEU D 92 -18.19 10.70 8.41
C LEU D 92 -17.56 11.12 9.73
N GLY D 93 -18.24 12.00 10.46
CA GLY D 93 -17.72 12.47 11.73
C GLY D 93 -16.39 13.17 11.63
N ASN D 94 -16.16 13.89 10.53
CA ASN D 94 -14.94 14.66 10.30
C ASN D 94 -13.72 13.79 10.11
N GLU D 95 -13.90 12.54 9.71
CA GLU D 95 -12.79 11.67 9.34
C GLU D 95 -13.10 11.02 8.00
N ASN D 96 -12.05 10.69 7.27
CA ASN D 96 -12.16 10.04 5.97
C ASN D 96 -11.79 8.57 6.10
N TYR D 97 -12.55 7.72 5.41
CA TYR D 97 -12.35 6.28 5.47
C TYR D 97 -12.25 5.74 4.05
N PRO D 98 -11.26 4.88 3.76
CA PRO D 98 -11.22 4.26 2.43
C PRO D 98 -12.43 3.34 2.24
N VAL D 99 -12.99 3.39 1.05
CA VAL D 99 -14.03 2.48 0.63
C VAL D 99 -13.51 1.53 -0.44
N GLY D 100 -12.92 2.07 -1.50
CA GLY D 100 -12.49 1.22 -2.59
C GLY D 100 -13.70 0.58 -3.26
N ASN D 101 -13.49 -0.65 -3.76
CA ASN D 101 -14.57 -1.38 -4.41
C ASN D 101 -15.68 -1.76 -3.43
N HIS D 102 -15.36 -1.87 -2.14
CA HIS D 102 -16.33 -2.39 -1.19
C HIS D 102 -15.84 -2.16 0.23
N LYS D 103 -16.76 -1.77 1.10
CA LYS D 103 -16.55 -1.72 2.55
C LYS D 103 -17.69 -2.53 3.15
N TYR D 104 -17.41 -3.77 3.52
CA TYR D 104 -18.44 -4.74 3.89
C TYR D 104 -18.64 -4.75 5.39
N ARG D 105 -19.90 -4.64 5.82
CA ARG D 105 -20.30 -4.71 7.23
C ARG D 105 -19.47 -3.76 8.07
N TRP D 106 -19.47 -2.50 7.68
CA TRP D 106 -18.74 -1.46 8.39
C TRP D 106 -19.54 -1.02 9.61
N SER D 107 -18.96 -1.18 10.80
CA SER D 107 -19.56 -0.67 12.03
C SER D 107 -19.28 0.83 12.10
N VAL D 108 -20.32 1.62 11.89
CA VAL D 108 -20.20 3.08 11.81
C VAL D 108 -19.55 3.60 13.09
N PRO D 109 -18.40 4.29 13.00
CA PRO D 109 -17.70 4.71 14.22
C PRO D 109 -18.20 6.02 14.81
N ALA D 110 -19.06 6.75 14.11
CA ALA D 110 -19.48 8.05 14.62
C ALA D 110 -20.82 8.42 13.99
N GLU D 111 -21.61 9.19 14.74
CA GLU D 111 -22.86 9.70 14.23
C GLU D 111 -22.60 10.77 13.17
N GLY D 112 -23.45 10.82 12.17
CA GLY D 112 -23.35 11.83 11.13
C GLY D 112 -23.94 11.33 9.83
N THR D 113 -23.90 12.21 8.84
CA THR D 113 -24.40 11.90 7.50
C THR D 113 -23.26 11.43 6.62
N LEU D 114 -23.56 10.42 5.79
CA LEU D 114 -22.54 9.77 4.99
C LEU D 114 -22.29 10.56 3.71
N THR D 115 -21.04 10.99 3.52
CA THR D 115 -20.58 11.58 2.28
C THR D 115 -19.62 10.61 1.59
N LEU D 116 -19.73 10.51 0.28
CA LEU D 116 -18.84 9.68 -0.54
C LEU D 116 -18.16 10.56 -1.57
N PHE D 117 -16.84 10.44 -1.71
CA PHE D 117 -16.12 11.35 -2.58
C PHE D 117 -14.99 10.63 -3.30
N PHE D 118 -14.61 11.22 -4.44
CA PHE D 118 -13.45 10.82 -5.22
C PHE D 118 -12.22 11.53 -4.67
N ALA D 119 -11.16 10.76 -4.39
CA ALA D 119 -9.96 11.30 -3.78
C ALA D 119 -9.02 11.83 -4.85
N ASP D 120 -8.68 13.11 -4.76
CA ASP D 120 -7.71 13.73 -5.64
C ASP D 120 -7.03 14.86 -4.87
N GLY D 121 -5.98 15.41 -5.45
CA GLY D 121 -5.32 16.54 -4.84
C GLY D 121 -6.24 17.76 -4.83
N LYS D 122 -6.16 18.54 -3.76
CA LYS D 122 -6.91 19.78 -3.70
C LYS D 122 -6.56 20.64 -4.90
N ASP D 123 -7.57 21.25 -5.50
CA ASP D 123 -7.43 22.12 -6.67
C ASP D 123 -6.98 21.37 -7.92
N GLN D 124 -7.13 20.04 -7.93
CA GLN D 124 -6.74 19.23 -9.08
C GLN D 124 -7.92 18.48 -9.68
N TYR D 125 -9.15 18.82 -9.30
CA TYR D 125 -10.32 18.06 -9.72
C TYR D 125 -10.84 18.46 -11.09
N LYS D 126 -10.42 19.60 -11.63
CA LYS D 126 -11.08 20.16 -12.80
C LYS D 126 -10.81 19.36 -14.07
N ASP D 127 -9.71 18.60 -14.12
CA ASP D 127 -9.37 17.81 -15.29
C ASP D 127 -9.81 16.35 -15.15
N ASN D 128 -10.67 16.05 -14.20
CA ASN D 128 -11.15 14.68 -14.00
C ASN D 128 -12.34 14.39 -14.90
N ALA D 129 -12.77 13.13 -14.89
CA ALA D 129 -13.88 12.71 -15.72
C ALA D 129 -14.39 11.36 -15.23
N GLY D 130 -15.68 11.13 -15.42
CA GLY D 130 -16.29 9.87 -15.05
C GLY D 130 -16.88 9.89 -13.66
N GLU D 131 -17.41 8.74 -13.26
CA GLU D 131 -18.11 8.61 -12.00
C GLU D 131 -18.09 7.16 -11.54
N PHE D 132 -18.26 6.98 -10.24
CA PHE D 132 -18.45 5.65 -9.65
C PHE D 132 -19.92 5.47 -9.30
N SER D 133 -20.45 4.29 -9.61
CA SER D 133 -21.77 3.88 -9.16
C SER D 133 -21.62 3.21 -7.80
N VAL D 134 -22.41 3.65 -6.82
CA VAL D 134 -22.26 3.21 -5.45
C VAL D 134 -23.61 2.80 -4.88
N GLU D 135 -23.61 1.71 -4.12
CA GLU D 135 -24.79 1.23 -3.41
C GLU D 135 -24.44 1.13 -1.93
N VAL D 136 -25.39 1.50 -1.07
CA VAL D 136 -25.22 1.47 0.37
C VAL D 136 -26.35 0.66 0.98
N TYR D 137 -26.00 -0.31 1.83
CA TYR D 137 -26.95 -1.23 2.41
C TYR D 137 -26.91 -1.19 3.93
N ARG D 138 -28.08 -1.37 4.54
CA ARG D 138 -28.19 -1.52 5.99
C ARG D 138 -28.05 -2.99 6.36
N GLU D 139 -27.18 -3.28 7.31
CA GLU D 139 -26.99 -4.65 7.78
C GLU D 139 -27.54 -4.79 9.21
#